data_1OSX
#
_entry.id   1OSX
#
_entity_poly.entity_id   1
_entity_poly.type   'polypeptide(L)'
_entity_poly.pdbx_seq_one_letter_code
;MRRGPRSLRGRDAPAPTPCVPAECFDLLVRHCVACGLLRTPRPKPAGASSPAPRTALQPQE
;
_entity_poly.pdbx_strand_id   A
#
# COMPACT_ATOMS: atom_id res chain seq x y z
N THR A 17 -2.54 0.15 15.63
CA THR A 17 -1.69 1.10 14.87
C THR A 17 -1.29 0.53 13.53
N PRO A 18 -2.27 0.11 12.71
CA PRO A 18 -2.02 -0.47 11.39
C PRO A 18 -1.52 0.58 10.39
N CYS A 19 -1.59 0.24 9.10
CA CYS A 19 -1.15 1.15 8.05
C CYS A 19 -1.92 2.46 8.11
N VAL A 20 -2.16 3.06 6.94
CA VAL A 20 -2.88 4.32 6.86
C VAL A 20 -3.58 4.46 5.51
N PRO A 21 -4.73 5.16 5.47
CA PRO A 21 -5.49 5.36 4.23
C PRO A 21 -4.58 5.57 3.02
N ALA A 22 -3.37 6.03 3.27
CA ALA A 22 -2.41 6.27 2.20
C ALA A 22 -1.85 4.95 1.67
N GLU A 23 -1.25 4.16 2.55
CA GLU A 23 -0.68 2.87 2.17
C GLU A 23 -1.52 1.73 2.73
N CYS A 24 -1.80 0.74 1.89
CA CYS A 24 -2.60 -0.42 2.28
C CYS A 24 -1.70 -1.63 2.55
N PHE A 25 -2.20 -2.55 3.37
CA PHE A 25 -1.44 -3.75 3.73
C PHE A 25 -1.54 -4.79 2.62
N ASP A 26 -0.44 -4.97 1.89
CA ASP A 26 -0.39 -5.94 0.80
C ASP A 26 0.07 -7.30 1.30
N LEU A 27 -0.42 -8.37 0.67
CA LEU A 27 -0.06 -9.73 1.05
C LEU A 27 1.20 -10.20 0.34
N LEU A 28 1.45 -9.64 -0.84
CA LEU A 28 2.62 -10.01 -1.63
C LEU A 28 3.91 -9.71 -0.87
N VAL A 29 4.02 -8.49 -0.36
CA VAL A 29 5.21 -8.08 0.39
C VAL A 29 4.96 -8.13 1.89
N ARG A 30 3.70 -8.37 2.27
CA ARG A 30 3.32 -8.47 3.67
C ARG A 30 3.65 -7.20 4.45
N HIS A 31 3.14 -6.06 3.99
CA HIS A 31 3.37 -4.79 4.67
C HIS A 31 2.55 -3.66 4.02
N CYS A 32 2.72 -2.45 4.53
CA CYS A 32 1.99 -1.29 4.00
C CYS A 32 2.68 -0.73 2.77
N VAL A 33 1.88 -0.45 1.73
CA VAL A 33 2.39 0.10 0.48
C VAL A 33 1.37 1.05 -0.15
N ALA A 34 1.86 2.03 -0.89
CA ALA A 34 0.98 3.00 -1.54
C ALA A 34 -0.26 2.32 -2.11
N CYS A 35 -1.38 2.44 -1.41
CA CYS A 35 -2.63 1.83 -1.84
C CYS A 35 -2.80 1.97 -3.36
N GLY A 36 -2.83 0.83 -4.05
CA GLY A 36 -2.99 0.85 -5.49
C GLY A 36 -1.66 0.77 -6.22
N LEU A 37 -0.68 1.51 -5.74
CA LEU A 37 0.65 1.51 -6.37
C LEU A 37 0.54 1.90 -7.84
N LEU A 38 -0.59 2.48 -8.23
CA LEU A 38 -0.82 2.90 -9.61
C LEU A 38 -1.52 4.25 -9.66
N ARG A 39 -1.60 4.83 -10.85
CA ARG A 39 -2.26 6.11 -11.05
C ARG A 39 -3.76 5.94 -11.21
N THR A 40 -4.53 6.64 -10.38
CA THR A 40 -5.98 6.56 -10.45
C THR A 40 -6.47 5.14 -10.13
N PRO A 41 -7.45 4.99 -9.23
CA PRO A 41 -7.98 3.67 -8.87
C PRO A 41 -8.89 3.09 -9.95
N ARG A 42 -10.19 3.30 -9.79
CA ARG A 42 -11.17 2.81 -10.76
C ARG A 42 -12.56 3.35 -10.46
N THR A 17 2.71 -1.16 13.61
CA THR A 17 1.43 -0.45 13.82
C THR A 17 0.66 -0.32 12.51
N PRO A 18 -0.69 -0.32 12.57
CA PRO A 18 -1.52 -0.19 11.37
C PRO A 18 -0.94 0.77 10.34
N CYS A 19 -1.31 0.57 9.08
CA CYS A 19 -0.83 1.43 8.00
C CYS A 19 -1.42 2.83 8.10
N VAL A 20 -1.66 3.45 6.96
CA VAL A 20 -2.22 4.79 6.93
C VAL A 20 -3.04 5.01 5.64
N PRO A 21 -4.08 5.86 5.69
CA PRO A 21 -4.92 6.13 4.53
C PRO A 21 -4.11 6.23 3.24
N ALA A 22 -2.83 6.51 3.37
CA ALA A 22 -1.95 6.62 2.21
C ALA A 22 -1.58 5.25 1.66
N GLU A 23 -1.01 4.41 2.52
CA GLU A 23 -0.61 3.06 2.12
C GLU A 23 -1.49 2.02 2.80
N CYS A 24 -1.82 0.96 2.06
CA CYS A 24 -2.66 -0.12 2.56
C CYS A 24 -1.85 -1.40 2.73
N PHE A 25 -2.44 -2.38 3.40
CA PHE A 25 -1.78 -3.66 3.63
C PHE A 25 -1.73 -4.48 2.34
N ASP A 26 -0.67 -5.28 2.19
CA ASP A 26 -0.50 -6.12 1.00
C ASP A 26 0.18 -7.43 1.36
N LEU A 27 -0.35 -8.53 0.83
CA LEU A 27 0.22 -9.85 1.09
C LEU A 27 1.47 -10.09 0.26
N LEU A 28 1.44 -9.62 -0.99
CA LEU A 28 2.58 -9.79 -1.89
C LEU A 28 3.89 -9.46 -1.18
N VAL A 29 3.91 -8.32 -0.50
CA VAL A 29 5.10 -7.87 0.23
C VAL A 29 4.98 -8.18 1.71
N ARG A 30 3.75 -8.22 2.21
CA ARG A 30 3.48 -8.52 3.61
C ARG A 30 3.70 -7.29 4.50
N HIS A 31 3.16 -6.15 4.08
CA HIS A 31 3.29 -4.92 4.85
C HIS A 31 2.43 -3.81 4.24
N CYS A 32 2.78 -2.55 4.55
CA CYS A 32 2.04 -1.40 4.04
C CYS A 32 2.70 -0.83 2.78
N VAL A 33 1.89 -0.49 1.80
CA VAL A 33 2.39 0.08 0.54
C VAL A 33 1.36 1.03 -0.08
N ALA A 34 1.83 1.89 -0.96
CA ALA A 34 0.95 2.85 -1.62
C ALA A 34 -0.30 2.17 -2.17
N CYS A 35 -1.42 2.35 -1.47
CA CYS A 35 -2.68 1.75 -1.88
C CYS A 35 -2.88 1.87 -3.38
N GLY A 36 -2.60 0.79 -4.10
CA GLY A 36 -2.76 0.79 -5.55
C GLY A 36 -1.55 0.20 -6.26
N LEU A 37 -0.41 0.88 -6.13
CA LEU A 37 0.82 0.42 -6.77
C LEU A 37 0.63 0.24 -8.27
N LEU A 38 0.23 1.31 -8.94
CA LEU A 38 -0.01 1.28 -10.38
C LEU A 38 0.51 2.55 -11.04
N ARG A 39 -0.03 2.87 -12.22
CA ARG A 39 0.38 4.07 -12.95
C ARG A 39 0.10 5.33 -12.13
N THR A 40 -1.18 5.56 -11.84
CA THR A 40 -1.57 6.73 -11.06
C THR A 40 -2.97 6.54 -10.46
N PRO A 41 -3.10 5.62 -9.50
CA PRO A 41 -4.36 5.33 -8.83
C PRO A 41 -5.05 6.60 -8.33
N ARG A 42 -6.31 6.46 -7.92
CA ARG A 42 -7.08 7.59 -7.41
C ARG A 42 -6.89 8.83 -8.30
N THR A 17 2.65 -3.26 12.84
CA THR A 17 2.88 -2.67 11.49
C THR A 17 1.61 -2.05 10.94
N PRO A 18 1.04 -1.08 11.67
CA PRO A 18 -0.19 -0.39 11.25
C PRO A 18 0.05 0.57 10.09
N CYS A 19 -0.70 0.39 9.02
CA CYS A 19 -0.57 1.23 7.83
C CYS A 19 -1.21 2.60 8.07
N VAL A 20 -1.57 3.26 6.97
CA VAL A 20 -2.20 4.58 7.05
C VAL A 20 -3.06 4.83 5.81
N PRO A 21 -4.12 5.65 5.95
CA PRO A 21 -5.02 5.97 4.83
C PRO A 21 -4.28 6.10 3.50
N ALA A 22 -2.98 6.39 3.57
CA ALA A 22 -2.17 6.55 2.38
C ALA A 22 -1.80 5.19 1.78
N GLU A 23 -1.17 4.35 2.59
CA GLU A 23 -0.75 3.01 2.16
C GLU A 23 -1.66 1.95 2.75
N CYS A 24 -2.04 0.98 1.92
CA CYS A 24 -2.92 -0.11 2.35
C CYS A 24 -2.12 -1.39 2.60
N PHE A 25 -2.71 -2.31 3.36
CA PHE A 25 -2.06 -3.57 3.67
C PHE A 25 -1.83 -4.40 2.40
N ASP A 26 -0.80 -5.23 2.41
CA ASP A 26 -0.49 -6.07 1.26
C ASP A 26 0.27 -7.33 1.69
N LEU A 27 -0.19 -8.49 1.24
CA LEU A 27 0.44 -9.75 1.57
C LEU A 27 1.55 -10.09 0.57
N LEU A 28 1.39 -9.62 -0.66
CA LEU A 28 2.37 -9.87 -1.72
C LEU A 28 3.73 -9.31 -1.33
N VAL A 29 3.77 -8.48 -0.29
CA VAL A 29 5.01 -7.89 0.19
C VAL A 29 5.15 -8.02 1.70
N ARG A 30 4.13 -8.59 2.33
CA ARG A 30 4.11 -8.79 3.77
C ARG A 30 4.20 -7.46 4.53
N HIS A 31 3.59 -6.41 3.99
CA HIS A 31 3.59 -5.11 4.65
C HIS A 31 2.69 -4.13 3.91
N CYS A 32 2.69 -2.87 4.37
CA CYS A 32 1.86 -1.83 3.77
C CYS A 32 2.54 -1.20 2.56
N VAL A 33 1.74 -0.76 1.60
CA VAL A 33 2.24 -0.12 0.39
C VAL A 33 1.27 0.95 -0.10
N ALA A 34 1.76 1.84 -0.96
CA ALA A 34 0.93 2.91 -1.50
C ALA A 34 -0.32 2.36 -2.16
N CYS A 35 -1.46 2.50 -1.49
CA CYS A 35 -2.72 2.01 -2.03
C CYS A 35 -2.83 2.27 -3.53
N GLY A 36 -2.55 1.24 -4.33
CA GLY A 36 -2.62 1.38 -5.78
C GLY A 36 -1.37 0.89 -6.46
N LEU A 37 -0.21 1.41 -6.04
CA LEU A 37 1.07 1.02 -6.62
C LEU A 37 1.08 1.25 -8.13
N LEU A 38 -0.04 1.75 -8.66
CA LEU A 38 -0.16 2.02 -10.09
C LEU A 38 -0.91 3.33 -10.33
N ARG A 39 -1.42 3.50 -11.55
CA ARG A 39 -2.17 4.71 -11.90
C ARG A 39 -3.04 4.47 -13.13
N THR A 40 -4.34 4.68 -12.96
CA THR A 40 -5.31 4.50 -14.05
C THR A 40 -4.84 3.44 -15.03
N PRO A 41 -4.75 2.17 -14.58
CA PRO A 41 -4.32 1.06 -15.43
C PRO A 41 -5.07 1.01 -16.74
N ARG A 42 -4.45 1.50 -17.80
CA ARG A 42 -5.07 1.51 -19.13
C ARG A 42 -4.04 1.73 -20.22
N THR A 17 1.74 -0.63 14.18
CA THR A 17 1.97 -1.82 13.33
C THR A 17 1.03 -1.85 12.11
N PRO A 18 -0.12 -1.15 12.15
CA PRO A 18 -1.06 -1.14 11.04
C PRO A 18 -0.72 -0.10 9.98
N CYS A 19 -1.35 -0.19 8.82
CA CYS A 19 -1.11 0.75 7.73
C CYS A 19 -1.79 2.08 8.01
N VAL A 20 -2.06 2.84 6.95
CA VAL A 20 -2.70 4.14 7.07
C VAL A 20 -3.48 4.48 5.79
N PRO A 21 -4.55 5.28 5.91
CA PRO A 21 -5.36 5.67 4.76
C PRO A 21 -4.52 5.92 3.50
N ALA A 22 -3.25 6.22 3.70
CA ALA A 22 -2.35 6.47 2.58
C ALA A 22 -1.93 5.17 1.91
N GLU A 23 -1.35 4.26 2.69
CA GLU A 23 -0.91 2.97 2.18
C GLU A 23 -1.85 1.86 2.65
N CYS A 24 -2.11 0.90 1.77
CA CYS A 24 -2.99 -0.21 2.08
C CYS A 24 -2.20 -1.46 2.43
N PHE A 25 -2.81 -2.37 3.19
CA PHE A 25 -2.15 -3.60 3.59
C PHE A 25 -1.89 -4.50 2.39
N ASP A 26 -0.80 -5.27 2.45
CA ASP A 26 -0.44 -6.17 1.36
C ASP A 26 0.41 -7.33 1.86
N LEU A 27 -0.11 -8.54 1.70
CA LEU A 27 0.59 -9.74 2.14
C LEU A 27 1.62 -10.18 1.11
N LEU A 28 1.36 -9.84 -0.15
CA LEU A 28 2.27 -10.19 -1.25
C LEU A 28 3.70 -9.79 -0.90
N VAL A 29 3.86 -8.59 -0.36
CA VAL A 29 5.18 -8.09 0.02
C VAL A 29 5.42 -8.26 1.52
N ARG A 30 4.36 -8.61 2.25
CA ARG A 30 4.45 -8.82 3.68
C ARG A 30 4.43 -7.49 4.44
N HIS A 31 3.73 -6.50 3.89
CA HIS A 31 3.63 -5.19 4.52
C HIS A 31 2.67 -4.28 3.75
N CYS A 32 2.56 -3.04 4.21
CA CYS A 32 1.69 -2.07 3.55
C CYS A 32 2.39 -1.37 2.39
N VAL A 33 1.61 -0.84 1.47
CA VAL A 33 2.16 -0.15 0.29
C VAL A 33 1.22 0.96 -0.17
N ALA A 34 1.77 1.90 -0.91
CA ALA A 34 0.99 3.02 -1.43
C ALA A 34 -0.26 2.53 -2.16
N CYS A 35 -1.42 2.71 -1.54
CA CYS A 35 -2.68 2.28 -2.14
C CYS A 35 -2.75 2.69 -3.61
N GLY A 36 -2.74 1.69 -4.49
CA GLY A 36 -2.80 1.95 -5.92
C GLY A 36 -1.43 2.18 -6.52
N LEU A 37 -0.49 2.66 -5.71
CA LEU A 37 0.87 2.91 -6.17
C LEU A 37 0.87 3.89 -7.34
N LEU A 38 0.35 5.09 -7.12
CA LEU A 38 0.28 6.11 -8.16
C LEU A 38 1.42 7.11 -8.02
N ARG A 39 1.86 7.32 -6.78
CA ARG A 39 2.95 8.26 -6.52
C ARG A 39 4.12 8.02 -7.47
N THR A 40 4.56 6.77 -7.55
CA THR A 40 5.68 6.42 -8.42
C THR A 40 6.87 7.33 -8.20
N PRO A 41 7.37 7.39 -6.96
CA PRO A 41 8.52 8.23 -6.60
C PRO A 41 9.83 7.68 -7.15
N ARG A 42 10.38 8.37 -8.15
CA ARG A 42 11.64 7.94 -8.77
C ARG A 42 12.27 9.08 -9.55
N THR A 17 -3.03 0.41 14.84
CA THR A 17 -2.46 1.52 14.05
C THR A 17 -1.33 1.03 13.15
N PRO A 18 -1.61 0.05 12.28
CA PRO A 18 -0.62 -0.51 11.37
C PRO A 18 -0.29 0.44 10.23
N CYS A 19 -0.98 0.30 9.11
CA CYS A 19 -0.75 1.15 7.94
C CYS A 19 -1.43 2.50 8.12
N VAL A 20 -1.67 3.19 7.02
CA VAL A 20 -2.32 4.50 7.05
C VAL A 20 -3.09 4.77 5.75
N PRO A 21 -4.16 5.57 5.81
CA PRO A 21 -4.97 5.90 4.64
C PRO A 21 -4.14 6.01 3.37
N ALA A 22 -2.91 6.52 3.50
CA ALA A 22 -2.02 6.67 2.36
C ALA A 22 -1.66 5.31 1.76
N GLU A 23 -1.06 4.46 2.58
CA GLU A 23 -0.65 3.12 2.15
C GLU A 23 -1.58 2.07 2.72
N CYS A 24 -2.00 1.12 1.88
CA CYS A 24 -2.90 0.05 2.29
C CYS A 24 -2.12 -1.23 2.59
N PHE A 25 -2.82 -2.21 3.17
CA PHE A 25 -2.19 -3.48 3.51
C PHE A 25 -1.91 -4.30 2.25
N ASP A 26 -0.87 -5.15 2.32
CA ASP A 26 -0.49 -5.99 1.19
C ASP A 26 0.26 -7.24 1.67
N LEU A 27 -0.19 -8.40 1.20
CA LEU A 27 0.43 -9.66 1.59
C LEU A 27 1.58 -10.01 0.65
N LEU A 28 1.53 -9.47 -0.57
CA LEU A 28 2.56 -9.72 -1.57
C LEU A 28 3.95 -9.49 -0.98
N VAL A 29 4.13 -8.34 -0.34
CA VAL A 29 5.42 -8.00 0.27
C VAL A 29 5.40 -8.27 1.77
N ARG A 30 4.22 -8.59 2.30
CA ARG A 30 4.07 -8.90 3.72
C ARG A 30 3.99 -7.62 4.56
N HIS A 31 3.56 -6.52 3.93
CA HIS A 31 3.44 -5.25 4.65
C HIS A 31 2.57 -4.27 3.86
N CYS A 32 2.51 -3.03 4.33
CA CYS A 32 1.70 -2.00 3.69
C CYS A 32 2.44 -1.38 2.51
N VAL A 33 1.68 -0.87 1.55
CA VAL A 33 2.25 -0.23 0.37
C VAL A 33 1.32 0.86 -0.16
N ALA A 34 1.87 1.77 -0.96
CA ALA A 34 1.08 2.85 -1.52
C ALA A 34 -0.21 2.33 -2.15
N CYS A 35 -1.33 2.57 -1.48
CA CYS A 35 -2.63 2.13 -1.97
C CYS A 35 -2.73 2.28 -3.49
N GLY A 36 -2.98 1.17 -4.17
CA GLY A 36 -3.09 1.20 -5.62
C GLY A 36 -1.74 1.10 -6.30
N LEU A 37 -0.72 1.65 -5.66
CA LEU A 37 0.64 1.61 -6.21
C LEU A 37 0.67 2.18 -7.62
N LEU A 38 -0.36 2.95 -7.98
CA LEU A 38 -0.45 3.56 -9.29
C LEU A 38 0.01 5.02 -9.25
N ARG A 39 1.06 5.33 -10.00
CA ARG A 39 1.58 6.69 -10.04
C ARG A 39 2.67 6.82 -11.11
N THR A 40 2.40 7.66 -12.11
CA THR A 40 3.34 7.88 -13.21
C THR A 40 3.80 9.33 -13.25
N PRO A 41 4.87 9.66 -12.53
CA PRO A 41 5.42 11.02 -12.48
C PRO A 41 5.67 11.59 -13.87
N ARG A 42 5.42 12.88 -14.05
CA ARG A 42 5.63 13.54 -15.33
C ARG A 42 5.82 15.04 -15.14
N THR A 17 2.36 -3.95 10.44
CA THR A 17 1.99 -2.95 11.47
C THR A 17 0.96 -1.96 10.92
N PRO A 18 0.09 -1.41 11.79
CA PRO A 18 -0.93 -0.45 11.37
C PRO A 18 -0.41 0.52 10.32
N CYS A 19 -0.95 0.42 9.11
CA CYS A 19 -0.55 1.29 8.01
C CYS A 19 -1.17 2.68 8.16
N VAL A 20 -1.47 3.31 7.03
CA VAL A 20 -2.07 4.64 7.04
C VAL A 20 -2.91 4.86 5.79
N PRO A 21 -3.89 5.78 5.84
CA PRO A 21 -4.75 6.08 4.70
C PRO A 21 -3.96 6.30 3.42
N ALA A 22 -2.64 6.39 3.56
CA ALA A 22 -1.76 6.59 2.42
C ALA A 22 -1.38 5.25 1.77
N GLU A 23 -0.98 4.30 2.60
CA GLU A 23 -0.60 2.97 2.13
C GLU A 23 -1.46 1.90 2.78
N CYS A 24 -1.92 0.95 1.98
CA CYS A 24 -2.76 -0.14 2.46
C CYS A 24 -1.94 -1.42 2.67
N PHE A 25 -2.56 -2.42 3.29
CA PHE A 25 -1.88 -3.68 3.55
C PHE A 25 -1.79 -4.52 2.28
N ASP A 26 -0.81 -5.42 2.24
CA ASP A 26 -0.61 -6.29 1.09
C ASP A 26 0.09 -7.59 1.50
N LEU A 27 -0.42 -8.71 1.00
CA LEU A 27 0.14 -10.02 1.31
C LEU A 27 1.27 -10.38 0.35
N LEU A 28 1.54 -9.49 -0.60
CA LEU A 28 2.59 -9.73 -1.59
C LEU A 28 3.96 -9.49 -0.97
N VAL A 29 4.10 -8.37 -0.27
CA VAL A 29 5.35 -8.01 0.38
C VAL A 29 5.25 -8.17 1.90
N ARG A 30 4.05 -8.45 2.38
CA ARG A 30 3.81 -8.65 3.80
C ARG A 30 4.03 -7.36 4.60
N HIS A 31 3.38 -6.29 4.17
CA HIS A 31 3.50 -5.00 4.85
C HIS A 31 2.55 -3.97 4.25
N CYS A 32 2.92 -2.70 4.33
CA CYS A 32 2.10 -1.62 3.80
C CYS A 32 2.67 -1.07 2.49
N VAL A 33 1.79 -0.68 1.58
CA VAL A 33 2.20 -0.14 0.28
C VAL A 33 1.24 0.93 -0.19
N ALA A 34 1.73 1.84 -1.02
CA ALA A 34 0.89 2.92 -1.56
C ALA A 34 -0.38 2.36 -2.19
N CYS A 35 -1.51 2.53 -1.50
CA CYS A 35 -2.79 2.05 -2.00
C CYS A 35 -2.97 2.41 -3.48
N GLY A 36 -2.71 1.45 -4.35
CA GLY A 36 -2.84 1.67 -5.78
C GLY A 36 -1.78 0.96 -6.59
N LEU A 37 -0.52 1.29 -6.33
CA LEU A 37 0.60 0.68 -7.03
C LEU A 37 0.30 0.56 -8.52
N LEU A 38 -0.11 1.67 -9.12
CA LEU A 38 -0.43 1.70 -10.56
C LEU A 38 0.74 2.28 -11.35
N ARG A 39 0.60 3.53 -11.78
CA ARG A 39 1.65 4.20 -12.56
C ARG A 39 1.31 5.67 -12.76
N THR A 40 0.03 5.97 -12.90
CA THR A 40 -0.41 7.35 -13.11
C THR A 40 -1.89 7.52 -12.75
N PRO A 41 -2.19 7.96 -11.52
CA PRO A 41 -3.58 8.16 -11.08
C PRO A 41 -4.15 9.50 -11.53
N ARG A 42 -3.36 10.56 -11.36
CA ARG A 42 -3.79 11.90 -11.75
C ARG A 42 -5.22 12.16 -11.31
N THR A 17 -0.56 2.84 14.66
CA THR A 17 -1.08 1.97 13.57
C THR A 17 0.04 1.50 12.66
N PRO A 18 -0.15 0.34 12.00
CA PRO A 18 0.85 -0.23 11.09
C PRO A 18 1.01 0.61 9.82
N CYS A 19 -0.09 0.79 9.10
CA CYS A 19 -0.08 1.57 7.86
C CYS A 19 -0.75 2.92 8.07
N VAL A 20 -1.21 3.52 6.97
CA VAL A 20 -1.86 4.82 7.02
C VAL A 20 -2.81 4.99 5.84
N PRO A 21 -3.88 5.80 5.99
CA PRO A 21 -4.85 6.03 4.92
C PRO A 21 -4.18 6.12 3.55
N ALA A 22 -2.89 6.45 3.54
CA ALA A 22 -2.14 6.57 2.29
C ALA A 22 -1.77 5.20 1.74
N GLU A 23 -1.08 4.41 2.56
CA GLU A 23 -0.65 3.07 2.18
C GLU A 23 -1.52 2.01 2.84
N CYS A 24 -1.94 1.01 2.05
CA CYS A 24 -2.78 -0.06 2.55
C CYS A 24 -1.97 -1.35 2.77
N PHE A 25 -2.62 -2.36 3.33
CA PHE A 25 -1.95 -3.64 3.59
C PHE A 25 -1.75 -4.42 2.30
N ASP A 26 -0.75 -5.30 2.30
CA ASP A 26 -0.45 -6.12 1.13
C ASP A 26 0.27 -7.41 1.54
N LEU A 27 -0.17 -8.52 0.96
CA LEU A 27 0.41 -9.82 1.27
C LEU A 27 1.62 -10.10 0.38
N LEU A 28 1.53 -9.70 -0.88
CA LEU A 28 2.61 -9.91 -1.84
C LEU A 28 3.94 -9.41 -1.27
N VAL A 29 3.86 -8.60 -0.22
CA VAL A 29 5.06 -8.05 0.41
C VAL A 29 4.92 -8.04 1.94
N ARG A 30 3.85 -8.65 2.42
CA ARG A 30 3.60 -8.73 3.86
C ARG A 30 3.93 -7.42 4.57
N HIS A 31 3.35 -6.32 4.10
CA HIS A 31 3.58 -5.02 4.69
C HIS A 31 2.68 -3.95 4.05
N CYS A 32 2.90 -2.69 4.41
CA CYS A 32 2.10 -1.59 3.88
C CYS A 32 2.69 -1.08 2.56
N VAL A 33 1.80 -0.64 1.67
CA VAL A 33 2.22 -0.11 0.36
C VAL A 33 1.23 0.94 -0.13
N ALA A 34 1.71 1.82 -0.99
CA ALA A 34 0.87 2.87 -1.55
C ALA A 34 -0.39 2.30 -2.20
N CYS A 35 -1.51 2.43 -1.50
CA CYS A 35 -2.78 1.92 -2.01
C CYS A 35 -2.94 2.22 -3.49
N GLY A 36 -2.66 1.23 -4.33
CA GLY A 36 -2.78 1.40 -5.77
C GLY A 36 -1.61 0.82 -6.52
N LEU A 37 -0.40 1.14 -6.07
CA LEU A 37 0.81 0.64 -6.71
C LEU A 37 0.71 0.76 -8.23
N LEU A 38 0.16 1.88 -8.69
CA LEU A 38 0.01 2.12 -10.12
C LEU A 38 1.13 3.03 -10.64
N ARG A 39 2.16 2.42 -11.22
CA ARG A 39 3.28 3.18 -11.76
C ARG A 39 2.80 4.44 -12.46
N THR A 40 3.29 5.59 -12.00
CA THR A 40 2.90 6.87 -12.59
C THR A 40 3.68 7.13 -13.89
N PRO A 41 3.04 7.79 -14.87
CA PRO A 41 3.68 8.09 -16.15
C PRO A 41 5.14 8.53 -15.98
N ARG A 42 5.95 8.26 -16.99
CA ARG A 42 7.36 8.64 -16.96
C ARG A 42 7.52 10.15 -16.94
N THR A 17 -4.47 -4.26 10.36
CA THR A 17 -4.01 -3.37 9.27
C THR A 17 -3.19 -2.21 9.82
N PRO A 18 -2.01 -2.50 10.38
CA PRO A 18 -1.13 -1.48 10.94
C PRO A 18 -0.88 -0.32 9.97
N CYS A 19 -1.36 -0.48 8.75
CA CYS A 19 -1.19 0.55 7.73
C CYS A 19 -2.05 1.78 8.03
N VAL A 20 -2.37 2.54 6.99
CA VAL A 20 -3.19 3.74 7.16
C VAL A 20 -3.97 4.04 5.87
N PRO A 21 -5.13 4.70 5.99
CA PRO A 21 -5.97 5.04 4.84
C PRO A 21 -5.15 5.41 3.61
N ALA A 22 -3.91 5.86 3.83
CA ALA A 22 -3.03 6.24 2.73
C ALA A 22 -2.46 5.00 2.04
N GLU A 23 -1.80 4.15 2.81
CA GLU A 23 -1.21 2.92 2.28
C GLU A 23 -2.03 1.71 2.70
N CYS A 24 -2.16 0.75 1.79
CA CYS A 24 -2.93 -0.47 2.06
C CYS A 24 -2.00 -1.62 2.42
N PHE A 25 -2.53 -2.59 3.18
CA PHE A 25 -1.75 -3.75 3.60
C PHE A 25 -1.66 -4.77 2.48
N ASP A 26 -0.44 -5.23 2.21
CA ASP A 26 -0.20 -6.22 1.16
C ASP A 26 0.42 -7.49 1.73
N LEU A 27 -0.18 -8.63 1.43
CA LEU A 27 0.31 -9.92 1.92
C LEU A 27 1.44 -10.45 1.03
N LEU A 28 1.25 -10.32 -0.28
CA LEU A 28 2.25 -10.79 -1.24
C LEU A 28 3.66 -10.45 -0.76
N VAL A 29 3.85 -9.20 -0.34
CA VAL A 29 5.14 -8.73 0.15
C VAL A 29 5.19 -8.73 1.67
N ARG A 30 4.02 -8.60 2.30
CA ARG A 30 3.92 -8.60 3.75
C ARG A 30 4.29 -7.23 4.33
N HIS A 31 3.63 -6.18 3.85
CA HIS A 31 3.87 -4.83 4.33
C HIS A 31 2.87 -3.84 3.74
N CYS A 32 2.99 -2.57 4.13
CA CYS A 32 2.09 -1.53 3.65
C CYS A 32 2.67 -0.83 2.43
N VAL A 33 1.78 -0.35 1.55
CA VAL A 33 2.19 0.34 0.34
C VAL A 33 1.14 1.37 -0.08
N ALA A 34 1.60 2.41 -0.79
CA ALA A 34 0.69 3.45 -1.25
C ALA A 34 -0.46 2.87 -2.07
N CYS A 35 -1.63 2.76 -1.46
CA CYS A 35 -2.80 2.20 -2.13
C CYS A 35 -2.87 2.69 -3.58
N GLY A 36 -2.44 1.83 -4.50
CA GLY A 36 -2.46 2.18 -5.91
C GLY A 36 -1.24 1.70 -6.65
N LEU A 37 -0.09 2.31 -6.36
CA LEU A 37 1.16 1.93 -7.00
C LEU A 37 1.03 1.97 -8.52
N LEU A 38 -0.09 2.51 -8.99
CA LEU A 38 -0.35 2.61 -10.43
C LEU A 38 -0.99 3.95 -10.78
N ARG A 39 -0.42 4.63 -11.77
CA ARG A 39 -0.94 5.92 -12.21
C ARG A 39 -2.17 5.74 -13.09
N THR A 40 -3.05 4.82 -12.70
CA THR A 40 -4.27 4.55 -13.45
C THR A 40 -3.97 4.39 -14.94
N PRO A 41 -3.01 3.52 -15.28
CA PRO A 41 -2.63 3.27 -16.68
C PRO A 41 -3.72 2.53 -17.44
N ARG A 42 -4.15 1.39 -16.92
CA ARG A 42 -5.18 0.58 -17.55
C ARG A 42 -6.53 1.30 -17.51
N THR A 17 0.54 -4.76 9.98
CA THR A 17 0.09 -3.87 11.07
C THR A 17 -0.77 -2.72 10.52
N PRO A 18 -1.72 -2.22 11.33
CA PRO A 18 -2.60 -1.12 10.91
C PRO A 18 -1.86 -0.06 10.10
N CYS A 19 -1.97 -0.14 8.78
CA CYS A 19 -1.32 0.82 7.90
C CYS A 19 -1.89 2.21 8.08
N VAL A 20 -1.96 2.97 6.99
CA VAL A 20 -2.49 4.32 7.03
C VAL A 20 -3.10 4.71 5.68
N PRO A 21 -4.13 5.58 5.67
CA PRO A 21 -4.78 6.02 4.45
C PRO A 21 -3.80 6.21 3.29
N ALA A 22 -2.54 6.42 3.62
CA ALA A 22 -1.50 6.61 2.62
C ALA A 22 -1.19 5.30 1.90
N GLU A 23 -0.82 4.28 2.67
CA GLU A 23 -0.50 2.97 2.11
C GLU A 23 -1.44 1.90 2.66
N CYS A 24 -1.87 0.98 1.79
CA CYS A 24 -2.76 -0.09 2.18
C CYS A 24 -1.99 -1.39 2.40
N PHE A 25 -2.60 -2.31 3.15
CA PHE A 25 -1.96 -3.59 3.45
C PHE A 25 -1.62 -4.34 2.16
N ASP A 26 -0.71 -5.30 2.27
CA ASP A 26 -0.29 -6.10 1.12
C ASP A 26 0.25 -7.46 1.58
N LEU A 27 -0.19 -8.51 0.90
CA LEU A 27 0.24 -9.87 1.23
C LEU A 27 1.51 -10.24 0.47
N LEU A 28 1.73 -9.58 -0.65
CA LEU A 28 2.91 -9.84 -1.48
C LEU A 28 4.18 -9.69 -0.65
N VAL A 29 4.41 -8.50 -0.11
CA VAL A 29 5.60 -8.22 0.70
C VAL A 29 5.27 -8.28 2.18
N ARG A 30 4.01 -8.61 2.50
CA ARG A 30 3.57 -8.71 3.88
C ARG A 30 3.82 -7.41 4.64
N HIS A 31 3.19 -6.33 4.18
CA HIS A 31 3.33 -5.03 4.81
C HIS A 31 2.31 -4.05 4.27
N CYS A 32 2.71 -2.78 4.11
CA CYS A 32 1.82 -1.75 3.59
C CYS A 32 2.43 -1.03 2.40
N VAL A 33 1.78 -1.16 1.24
CA VAL A 33 2.25 -0.52 0.01
C VAL A 33 1.36 0.67 -0.35
N ALA A 34 1.83 1.51 -1.26
CA ALA A 34 1.07 2.67 -1.68
C ALA A 34 -0.32 2.26 -2.18
N CYS A 35 -1.34 2.68 -1.46
CA CYS A 35 -2.72 2.35 -1.83
C CYS A 35 -2.95 2.60 -3.31
N GLY A 36 -3.27 1.52 -4.04
CA GLY A 36 -3.50 1.65 -5.46
C GLY A 36 -2.27 2.06 -6.23
N LEU A 37 -1.21 2.39 -5.48
CA LEU A 37 0.06 2.80 -6.09
C LEU A 37 -0.15 3.98 -7.04
N LEU A 38 -1.27 4.69 -6.85
CA LEU A 38 -1.59 5.84 -7.68
C LEU A 38 -2.20 6.97 -6.83
N ARG A 39 -1.38 7.96 -6.51
CA ARG A 39 -1.83 9.10 -5.70
C ARG A 39 -3.25 9.51 -6.10
N THR A 40 -4.09 9.74 -5.09
CA THR A 40 -5.48 10.14 -5.31
C THR A 40 -5.82 11.40 -4.53
N PRO A 41 -5.22 12.54 -4.91
CA PRO A 41 -5.46 13.82 -4.23
C PRO A 41 -6.79 14.45 -4.64
N ARG A 42 -7.84 14.14 -3.89
CA ARG A 42 -9.17 14.66 -4.17
C ARG A 42 -10.13 14.32 -3.04
N THR A 17 -8.48 0.43 12.09
CA THR A 17 -8.00 0.18 10.71
C THR A 17 -6.58 -0.39 10.71
N PRO A 18 -6.23 -1.16 9.67
CA PRO A 18 -4.90 -1.77 9.55
C PRO A 18 -3.81 -0.72 9.28
N CYS A 19 -3.54 -0.48 8.01
CA CYS A 19 -2.52 0.49 7.61
C CYS A 19 -3.05 1.91 7.73
N VAL A 20 -2.64 2.77 6.80
CA VAL A 20 -3.06 4.16 6.80
C VAL A 20 -3.42 4.62 5.38
N PRO A 21 -4.35 5.58 5.24
CA PRO A 21 -4.76 6.10 3.94
C PRO A 21 -3.59 6.23 2.97
N ALA A 22 -2.39 6.39 3.51
CA ALA A 22 -1.20 6.53 2.70
C ALA A 22 -0.88 5.23 1.97
N GLU A 23 -0.78 4.14 2.73
CA GLU A 23 -0.49 2.83 2.15
C GLU A 23 -1.49 1.79 2.62
N CYS A 24 -1.89 0.90 1.72
CA CYS A 24 -2.85 -0.15 2.03
C CYS A 24 -2.14 -1.47 2.31
N PHE A 25 -2.75 -2.31 3.14
CA PHE A 25 -2.18 -3.61 3.48
C PHE A 25 -1.88 -4.42 2.23
N ASP A 26 -0.81 -5.21 2.30
CA ASP A 26 -0.40 -6.05 1.17
C ASP A 26 0.40 -7.26 1.65
N LEU A 27 -0.03 -8.45 1.26
CA LEU A 27 0.65 -9.68 1.66
C LEU A 27 1.80 -10.00 0.72
N LEU A 28 1.63 -9.70 -0.57
CA LEU A 28 2.65 -9.96 -1.56
C LEU A 28 4.01 -9.43 -1.10
N VAL A 29 4.01 -8.65 -0.02
CA VAL A 29 5.23 -8.08 0.52
C VAL A 29 5.23 -8.11 2.05
N ARG A 30 4.20 -8.71 2.63
CA ARG A 30 4.08 -8.82 4.08
C ARG A 30 4.07 -7.46 4.76
N HIS A 31 3.47 -6.47 4.10
CA HIS A 31 3.38 -5.13 4.67
C HIS A 31 2.52 -4.22 3.79
N CYS A 32 2.34 -2.98 4.25
CA CYS A 32 1.53 -2.01 3.51
C CYS A 32 2.31 -1.39 2.36
N VAL A 33 1.58 -0.97 1.32
CA VAL A 33 2.20 -0.34 0.15
C VAL A 33 1.34 0.81 -0.36
N ALA A 34 1.91 1.63 -1.24
CA ALA A 34 1.18 2.76 -1.81
C ALA A 34 -0.21 2.34 -2.25
N CYS A 35 -1.22 2.79 -1.52
CA CYS A 35 -2.60 2.45 -1.84
C CYS A 35 -2.88 2.70 -3.32
N GLY A 36 -3.13 1.62 -4.06
CA GLY A 36 -3.42 1.74 -5.48
C GLY A 36 -2.16 1.95 -6.30
N LEU A 37 -1.08 2.33 -5.63
CA LEU A 37 0.20 2.56 -6.30
C LEU A 37 0.03 3.61 -7.41
N LEU A 38 -0.77 4.64 -7.13
CA LEU A 38 -1.02 5.71 -8.08
C LEU A 38 -0.16 6.93 -7.78
N ARG A 39 -0.43 7.57 -6.64
CA ARG A 39 0.31 8.75 -6.22
C ARG A 39 1.59 8.36 -5.50
N THR A 40 2.66 9.12 -5.73
CA THR A 40 3.94 8.84 -5.09
C THR A 40 4.36 7.39 -5.30
N PRO A 41 4.43 6.95 -6.58
CA PRO A 41 4.83 5.58 -6.92
C PRO A 41 6.30 5.32 -6.65
N ARG A 42 7.14 5.57 -7.65
CA ARG A 42 8.58 5.34 -7.52
C ARG A 42 8.86 4.03 -6.83
N THR A 17 -3.97 -1.51 10.79
CA THR A 17 -3.85 -0.27 11.59
C THR A 17 -2.44 0.32 11.48
N PRO A 18 -1.40 -0.52 11.40
CA PRO A 18 -0.01 -0.07 11.29
C PRO A 18 0.21 0.85 10.09
N CYS A 19 -0.59 0.64 9.04
CA CYS A 19 -0.48 1.45 7.82
C CYS A 19 -1.15 2.80 8.01
N VAL A 20 -1.52 3.43 6.90
CA VAL A 20 -2.18 4.73 6.94
C VAL A 20 -3.05 4.94 5.70
N PRO A 21 -4.12 5.75 5.82
CA PRO A 21 -5.03 6.01 4.70
C PRO A 21 -4.29 6.13 3.37
N ALA A 22 -3.00 6.44 3.44
CA ALA A 22 -2.19 6.58 2.24
C ALA A 22 -1.79 5.22 1.68
N GLU A 23 -1.14 4.41 2.52
CA GLU A 23 -0.70 3.08 2.12
C GLU A 23 -1.61 2.01 2.71
N CYS A 24 -1.99 1.04 1.89
CA CYS A 24 -2.86 -0.04 2.34
C CYS A 24 -2.06 -1.31 2.63
N PHE A 25 -2.71 -2.29 3.24
CA PHE A 25 -2.05 -3.55 3.58
C PHE A 25 -1.91 -4.44 2.35
N ASP A 26 -0.87 -5.27 2.34
CA ASP A 26 -0.62 -6.17 1.22
C ASP A 26 0.16 -7.40 1.67
N LEU A 27 -0.26 -8.57 1.20
CA LEU A 27 0.41 -9.83 1.56
C LEU A 27 1.53 -10.13 0.57
N LEU A 28 1.47 -9.51 -0.61
CA LEU A 28 2.49 -9.72 -1.63
C LEU A 28 3.88 -9.48 -1.06
N VAL A 29 4.06 -8.33 -0.41
CA VAL A 29 5.35 -7.97 0.18
C VAL A 29 5.33 -8.25 1.69
N ARG A 30 4.14 -8.46 2.23
CA ARG A 30 3.98 -8.75 3.65
C ARG A 30 4.04 -7.48 4.50
N HIS A 31 3.47 -6.39 3.99
CA HIS A 31 3.44 -5.13 4.73
C HIS A 31 2.62 -4.08 3.99
N CYS A 32 2.65 -2.85 4.50
CA CYS A 32 1.90 -1.76 3.91
C CYS A 32 2.58 -1.24 2.64
N VAL A 33 1.76 -0.76 1.71
CA VAL A 33 2.26 -0.22 0.44
C VAL A 33 1.33 0.87 -0.08
N ALA A 34 1.87 1.74 -0.94
CA ALA A 34 1.08 2.82 -1.51
C ALA A 34 -0.19 2.28 -2.17
N CYS A 35 -1.33 2.49 -1.54
CA CYS A 35 -2.60 2.02 -2.06
C CYS A 35 -2.69 2.26 -3.57
N GLY A 36 -2.96 1.21 -4.32
CA GLY A 36 -3.07 1.33 -5.76
C GLY A 36 -1.71 1.25 -6.45
N LEU A 37 -0.68 1.71 -5.75
CA LEU A 37 0.67 1.70 -6.30
C LEU A 37 0.71 2.32 -7.69
N LEU A 38 -0.29 3.14 -7.99
CA LEU A 38 -0.38 3.79 -9.30
C LEU A 38 -0.86 5.23 -9.14
N ARG A 39 -0.22 5.97 -8.24
CA ARG A 39 -0.57 7.35 -8.00
C ARG A 39 -0.41 8.19 -9.26
N THR A 40 -0.79 9.47 -9.18
CA THR A 40 -0.68 10.37 -10.32
C THR A 40 0.66 10.19 -11.04
N PRO A 41 0.69 10.36 -12.37
CA PRO A 41 1.91 10.22 -13.15
C PRO A 41 3.13 10.76 -12.42
N ARG A 42 4.15 9.92 -12.26
CA ARG A 42 5.38 10.31 -11.57
C ARG A 42 6.57 9.51 -12.08
N THR A 17 3.86 -1.60 12.49
CA THR A 17 3.08 -2.82 12.24
C THR A 17 1.83 -2.53 11.41
N PRO A 18 1.14 -1.41 11.69
CA PRO A 18 -0.07 -1.02 10.96
C PRO A 18 0.25 -0.18 9.73
N CYS A 19 -0.76 0.52 9.23
CA CYS A 19 -0.60 1.37 8.05
C CYS A 19 -1.38 2.67 8.21
N VAL A 20 -1.79 3.24 7.08
CA VAL A 20 -2.54 4.50 7.09
C VAL A 20 -3.39 4.63 5.85
N PRO A 21 -4.54 5.34 5.94
CA PRO A 21 -5.43 5.53 4.79
C PRO A 21 -4.69 5.72 3.49
N ALA A 22 -3.44 6.18 3.58
CA ALA A 22 -2.61 6.40 2.41
C ALA A 22 -2.09 5.08 1.85
N GLU A 23 -1.39 4.32 2.68
CA GLU A 23 -0.84 3.03 2.28
C GLU A 23 -1.66 1.88 2.86
N CYS A 24 -1.99 0.92 2.00
CA CYS A 24 -2.78 -0.24 2.41
C CYS A 24 -1.89 -1.46 2.63
N PHE A 25 -2.42 -2.47 3.31
CA PHE A 25 -1.68 -3.69 3.58
C PHE A 25 -1.68 -4.62 2.37
N ASP A 26 -0.65 -5.45 2.27
CA ASP A 26 -0.54 -6.40 1.16
C ASP A 26 0.21 -7.66 1.60
N LEU A 27 -0.31 -8.82 1.19
CA LEU A 27 0.30 -10.10 1.54
C LEU A 27 1.49 -10.41 0.63
N LEU A 28 1.37 -10.03 -0.65
CA LEU A 28 2.44 -10.28 -1.61
C LEU A 28 3.80 -9.91 -1.02
N VAL A 29 3.89 -8.71 -0.46
CA VAL A 29 5.13 -8.24 0.15
C VAL A 29 5.08 -8.38 1.67
N ARG A 30 3.88 -8.33 2.23
CA ARG A 30 3.69 -8.48 3.67
C ARG A 30 4.00 -7.17 4.42
N HIS A 31 3.42 -6.08 3.95
CA HIS A 31 3.62 -4.77 4.59
C HIS A 31 2.72 -3.72 3.95
N CYS A 32 2.84 -2.48 4.43
CA CYS A 32 2.03 -1.39 3.91
C CYS A 32 2.63 -0.81 2.62
N VAL A 33 1.76 -0.49 1.67
CA VAL A 33 2.19 0.07 0.40
C VAL A 33 1.19 1.11 -0.10
N ALA A 34 1.68 2.08 -0.88
CA ALA A 34 0.82 3.12 -1.41
C ALA A 34 -0.37 2.53 -2.14
N CYS A 35 -1.52 2.51 -1.48
CA CYS A 35 -2.74 1.95 -2.07
C CYS A 35 -2.85 2.35 -3.54
N GLY A 36 -2.49 1.41 -4.42
CA GLY A 36 -2.56 1.67 -5.85
C GLY A 36 -1.37 1.08 -6.60
N LEU A 37 -0.18 1.54 -6.27
CA LEU A 37 1.04 1.05 -6.92
C LEU A 37 0.82 0.91 -8.42
N LEU A 38 0.45 2.01 -9.07
CA LEU A 38 0.20 2.00 -10.51
C LEU A 38 0.74 3.28 -11.15
N ARG A 39 1.92 3.72 -10.69
CA ARG A 39 2.55 4.93 -11.23
C ARG A 39 4.03 4.71 -11.48
N THR A 40 4.83 4.80 -10.42
CA THR A 40 6.28 4.61 -10.54
C THR A 40 6.89 4.25 -9.20
N PRO A 41 6.38 3.19 -8.55
CA PRO A 41 6.89 2.73 -7.25
C PRO A 41 8.29 2.14 -7.35
N ARG A 42 8.35 0.83 -7.62
CA ARG A 42 9.63 0.14 -7.73
C ARG A 42 10.37 0.12 -6.40
N THR A 17 -7.31 -1.32 5.39
CA THR A 17 -7.84 -0.37 6.42
C THR A 17 -6.91 -0.28 7.63
N PRO A 18 -6.30 -1.40 8.03
CA PRO A 18 -5.39 -1.44 9.19
C PRO A 18 -4.26 -0.44 9.06
N CYS A 19 -3.68 -0.35 7.87
CA CYS A 19 -2.57 0.57 7.62
C CYS A 19 -3.05 2.02 7.70
N VAL A 20 -2.48 2.87 6.85
CA VAL A 20 -2.83 4.29 6.82
C VAL A 20 -3.24 4.72 5.41
N PRO A 21 -4.15 5.71 5.29
CA PRO A 21 -4.60 6.20 4.00
C PRO A 21 -3.49 6.24 2.95
N ALA A 22 -2.29 6.57 3.40
CA ALA A 22 -1.13 6.63 2.50
C ALA A 22 -0.88 5.29 1.83
N GLU A 23 -0.65 4.27 2.65
CA GLU A 23 -0.40 2.92 2.15
C GLU A 23 -1.40 1.92 2.72
N CYS A 24 -1.82 0.97 1.88
CA CYS A 24 -2.79 -0.04 2.29
C CYS A 24 -2.11 -1.39 2.52
N PHE A 25 -2.74 -2.24 3.31
CA PHE A 25 -2.20 -3.56 3.61
C PHE A 25 -1.93 -4.34 2.33
N ASP A 26 -0.85 -5.12 2.31
CA ASP A 26 -0.49 -5.92 1.14
C ASP A 26 0.29 -7.16 1.56
N LEU A 27 -0.15 -8.32 1.06
CA LEU A 27 0.51 -9.59 1.37
C LEU A 27 1.64 -9.87 0.38
N LEU A 28 1.62 -9.17 -0.75
CA LEU A 28 2.63 -9.35 -1.78
C LEU A 28 4.02 -8.99 -1.24
N VAL A 29 4.06 -8.29 -0.12
CA VAL A 29 5.32 -7.90 0.50
C VAL A 29 5.28 -8.04 2.01
N ARG A 30 4.22 -8.66 2.51
CA ARG A 30 4.05 -8.88 3.94
C ARG A 30 3.99 -7.57 4.72
N HIS A 31 3.39 -6.53 4.12
CA HIS A 31 3.25 -5.24 4.79
C HIS A 31 2.48 -4.25 3.92
N CYS A 32 2.30 -3.04 4.43
CA CYS A 32 1.57 -2.00 3.73
C CYS A 32 2.36 -1.45 2.54
N VAL A 33 1.63 -0.94 1.55
CA VAL A 33 2.25 -0.38 0.36
C VAL A 33 1.39 0.73 -0.23
N ALA A 34 1.93 1.43 -1.24
CA ALA A 34 1.19 2.51 -1.88
C ALA A 34 -0.21 2.08 -2.27
N CYS A 35 -1.21 2.65 -1.61
CA CYS A 35 -2.61 2.30 -1.89
C CYS A 35 -2.91 2.51 -3.38
N GLY A 36 -2.90 1.41 -4.13
CA GLY A 36 -3.19 1.49 -5.55
C GLY A 36 -2.34 0.53 -6.37
N LEU A 37 -1.05 0.82 -6.47
CA LEU A 37 -0.13 -0.03 -7.23
C LEU A 37 -0.62 -0.17 -8.67
N LEU A 38 -0.75 0.94 -9.37
CA LEU A 38 -1.21 0.94 -10.75
C LEU A 38 -0.43 1.95 -11.60
N ARG A 39 -0.96 3.17 -11.70
CA ARG A 39 -0.33 4.22 -12.48
C ARG A 39 0.95 4.73 -11.81
N THR A 40 2.10 4.32 -12.35
CA THR A 40 3.40 4.72 -11.82
C THR A 40 3.33 5.00 -10.32
N PRO A 41 3.16 3.94 -9.51
CA PRO A 41 3.08 4.06 -8.05
C PRO A 41 4.34 4.67 -7.44
N ARG A 42 4.31 5.99 -7.22
CA ARG A 42 5.44 6.70 -6.64
C ARG A 42 6.76 6.14 -7.14
N THR A 17 -4.25 -4.72 13.07
CA THR A 17 -4.73 -3.56 12.28
C THR A 17 -4.18 -3.58 10.86
N PRO A 18 -4.90 -2.96 9.90
CA PRO A 18 -4.47 -2.92 8.51
C PRO A 18 -3.29 -1.98 8.28
N CYS A 19 -3.59 -0.75 7.90
CA CYS A 19 -2.55 0.25 7.66
C CYS A 19 -3.12 1.66 7.76
N VAL A 20 -2.63 2.56 6.92
CA VAL A 20 -3.09 3.95 6.90
C VAL A 20 -3.54 4.36 5.49
N PRO A 21 -4.51 5.29 5.39
CA PRO A 21 -5.00 5.76 4.11
C PRO A 21 -3.91 5.91 3.07
N ALA A 22 -2.74 6.39 3.51
CA ALA A 22 -1.60 6.57 2.61
C ALA A 22 -1.23 5.25 1.93
N GLU A 23 -0.97 4.23 2.73
CA GLU A 23 -0.61 2.91 2.21
C GLU A 23 -1.56 1.84 2.74
N CYS A 24 -1.96 0.93 1.86
CA CYS A 24 -2.87 -0.15 2.23
C CYS A 24 -2.12 -1.45 2.47
N PHE A 25 -2.71 -2.35 3.25
CA PHE A 25 -2.09 -3.63 3.57
C PHE A 25 -1.90 -4.47 2.31
N ASP A 26 -0.85 -5.28 2.30
CA ASP A 26 -0.55 -6.14 1.17
C ASP A 26 0.23 -7.37 1.60
N LEU A 27 -0.32 -8.55 1.32
CA LEU A 27 0.33 -9.81 1.68
C LEU A 27 1.44 -10.15 0.70
N LEU A 28 1.46 -9.45 -0.43
CA LEU A 28 2.48 -9.68 -1.46
C LEU A 28 3.87 -9.41 -0.90
N VAL A 29 4.05 -8.23 -0.31
CA VAL A 29 5.33 -7.84 0.26
C VAL A 29 5.33 -8.04 1.77
N ARG A 30 4.22 -8.55 2.29
CA ARG A 30 4.07 -8.81 3.72
C ARG A 30 4.00 -7.52 4.53
N HIS A 31 3.61 -6.43 3.89
CA HIS A 31 3.48 -5.15 4.57
C HIS A 31 2.60 -4.18 3.79
N CYS A 32 2.51 -2.94 4.28
CA CYS A 32 1.69 -1.92 3.62
C CYS A 32 2.42 -1.28 2.46
N VAL A 33 1.65 -0.76 1.49
CA VAL A 33 2.22 -0.11 0.32
C VAL A 33 1.30 0.98 -0.19
N ALA A 34 1.85 1.89 -1.00
CA ALA A 34 1.07 2.98 -1.56
C ALA A 34 -0.24 2.48 -2.17
N CYS A 35 -1.34 2.66 -1.45
CA CYS A 35 -2.65 2.22 -1.93
C CYS A 35 -2.80 2.48 -3.43
N GLY A 36 -2.60 1.43 -4.22
CA GLY A 36 -2.72 1.56 -5.66
C GLY A 36 -1.94 0.50 -6.40
N LEU A 37 -0.62 0.70 -6.51
CA LEU A 37 0.24 -0.25 -7.20
C LEU A 37 -0.40 -0.70 -8.52
N LEU A 38 -1.39 0.06 -8.99
CA LEU A 38 -2.08 -0.26 -10.23
C LEU A 38 -1.55 0.60 -11.38
N ARG A 39 -0.60 1.47 -11.06
CA ARG A 39 0.00 2.35 -12.06
C ARG A 39 0.94 1.57 -12.97
N THR A 40 0.56 0.34 -13.29
CA THR A 40 1.38 -0.51 -14.15
C THR A 40 1.94 0.29 -15.33
N PRO A 41 1.06 0.79 -16.21
CA PRO A 41 1.49 1.58 -17.38
C PRO A 41 2.19 2.88 -16.98
N ARG A 42 2.96 3.43 -17.91
CA ARG A 42 3.69 4.67 -17.67
C ARG A 42 4.19 5.27 -18.97
N THR A 17 -3.01 -1.81 14.29
CA THR A 17 -1.88 -2.26 13.43
C THR A 17 -2.09 -1.92 11.95
N PRO A 18 -3.35 -1.72 11.50
CA PRO A 18 -3.62 -1.40 10.08
C PRO A 18 -2.74 -0.26 9.57
N CYS A 19 -2.50 -0.26 8.27
CA CYS A 19 -1.67 0.78 7.65
C CYS A 19 -2.27 2.16 7.88
N VAL A 20 -2.11 3.04 6.89
CA VAL A 20 -2.63 4.40 6.98
C VAL A 20 -3.30 4.81 5.67
N PRO A 21 -4.32 5.70 5.73
CA PRO A 21 -5.03 6.17 4.54
C PRO A 21 -4.09 6.36 3.34
N ALA A 22 -2.82 6.59 3.63
CA ALA A 22 -1.83 6.79 2.58
C ALA A 22 -1.51 5.46 1.87
N GLU A 23 -1.06 4.48 2.64
CA GLU A 23 -0.71 3.17 2.10
C GLU A 23 -1.64 2.10 2.66
N CYS A 24 -1.98 1.13 1.83
CA CYS A 24 -2.86 0.03 2.23
C CYS A 24 -2.05 -1.22 2.57
N PHE A 25 -2.75 -2.27 2.96
CA PHE A 25 -2.09 -3.53 3.31
C PHE A 25 -1.69 -4.32 2.07
N ASP A 26 -0.74 -5.23 2.23
CA ASP A 26 -0.26 -6.05 1.12
C ASP A 26 0.33 -7.36 1.62
N LEU A 27 -0.11 -8.47 1.03
CA LEU A 27 0.37 -9.79 1.41
C LEU A 27 1.63 -10.17 0.64
N LEU A 28 1.64 -9.85 -0.65
CA LEU A 28 2.79 -10.16 -1.50
C LEU A 28 4.10 -9.79 -0.81
N VAL A 29 4.16 -8.58 -0.28
CA VAL A 29 5.35 -8.10 0.42
C VAL A 29 5.21 -8.22 1.93
N ARG A 30 4.02 -8.65 2.37
CA ARG A 30 3.75 -8.82 3.80
C ARG A 30 3.98 -7.53 4.57
N HIS A 31 3.33 -6.45 4.14
CA HIS A 31 3.46 -5.16 4.81
C HIS A 31 2.48 -4.14 4.21
N CYS A 32 2.85 -2.87 4.26
CA CYS A 32 2.01 -1.80 3.72
C CYS A 32 2.62 -1.20 2.46
N VAL A 33 1.76 -0.94 1.46
CA VAL A 33 2.21 -0.36 0.20
C VAL A 33 1.29 0.78 -0.23
N ALA A 34 1.76 1.63 -1.13
CA ALA A 34 0.96 2.74 -1.61
C ALA A 34 -0.41 2.26 -2.09
N CYS A 35 -1.46 2.77 -1.45
CA CYS A 35 -2.81 2.39 -1.83
C CYS A 35 -3.04 2.59 -3.32
N GLY A 36 -2.96 1.51 -4.08
CA GLY A 36 -3.14 1.59 -5.52
C GLY A 36 -1.87 1.27 -6.28
N LEU A 37 -0.74 1.47 -5.62
CA LEU A 37 0.57 1.20 -6.23
C LEU A 37 0.74 1.98 -7.52
N LEU A 38 0.42 3.28 -7.47
CA LEU A 38 0.55 4.14 -8.64
C LEU A 38 1.83 4.97 -8.58
N ARG A 39 2.94 4.30 -8.32
CA ARG A 39 4.23 4.97 -8.22
C ARG A 39 5.36 4.09 -8.75
N THR A 40 6.46 4.02 -8.00
CA THR A 40 7.61 3.20 -8.38
C THR A 40 7.78 2.01 -7.45
N PRO A 41 7.11 0.88 -7.74
CA PRO A 41 7.21 -0.33 -6.92
C PRO A 41 8.49 -1.11 -7.17
N ARG A 42 8.73 -2.13 -6.34
CA ARG A 42 9.92 -2.95 -6.47
C ARG A 42 9.71 -4.31 -5.80
N THR A 17 -4.36 -2.80 9.65
CA THR A 17 -2.91 -2.61 9.82
C THR A 17 -2.59 -1.18 10.27
N PRO A 18 -1.52 -1.00 11.07
CA PRO A 18 -1.12 0.32 11.56
C PRO A 18 -0.56 1.21 10.45
N CYS A 19 -0.99 0.95 9.22
CA CYS A 19 -0.53 1.74 8.08
C CYS A 19 -1.08 3.15 8.14
N VAL A 20 -1.35 3.73 6.96
CA VAL A 20 -1.89 5.07 6.87
C VAL A 20 -2.72 5.25 5.59
N PRO A 21 -3.75 6.10 5.62
CA PRO A 21 -4.60 6.36 4.46
C PRO A 21 -3.81 6.37 3.15
N ALA A 22 -2.52 6.65 3.25
CA ALA A 22 -1.65 6.70 2.08
C ALA A 22 -1.34 5.30 1.57
N GLU A 23 -0.76 4.47 2.45
CA GLU A 23 -0.41 3.10 2.09
C GLU A 23 -1.31 2.10 2.80
N CYS A 24 -1.71 1.05 2.09
CA CYS A 24 -2.56 0.01 2.65
C CYS A 24 -1.82 -1.31 2.76
N PHE A 25 -2.46 -2.30 3.39
CA PHE A 25 -1.86 -3.61 3.57
C PHE A 25 -1.72 -4.33 2.24
N ASP A 26 -0.74 -5.23 2.14
CA ASP A 26 -0.51 -5.99 0.92
C ASP A 26 0.20 -7.31 1.23
N LEU A 27 -0.22 -8.36 0.54
CA LEU A 27 0.35 -9.69 0.72
C LEU A 27 1.62 -9.85 -0.11
N LEU A 28 1.61 -9.28 -1.31
CA LEU A 28 2.75 -9.36 -2.21
C LEU A 28 4.03 -8.97 -1.50
N VAL A 29 3.90 -8.35 -0.32
CA VAL A 29 5.04 -7.91 0.46
C VAL A 29 4.85 -8.24 1.95
N ARG A 30 3.59 -8.24 2.40
CA ARG A 30 3.27 -8.54 3.79
C ARG A 30 3.49 -7.32 4.68
N HIS A 31 3.00 -6.17 4.24
CA HIS A 31 3.13 -4.94 5.01
C HIS A 31 2.33 -3.80 4.37
N CYS A 32 2.73 -2.56 4.66
CA CYS A 32 2.04 -1.40 4.12
C CYS A 32 2.73 -0.91 2.84
N VAL A 33 1.92 -0.58 1.83
CA VAL A 33 2.44 -0.09 0.56
C VAL A 33 1.45 0.86 -0.11
N ALA A 34 1.92 1.58 -1.13
CA ALA A 34 1.07 2.52 -1.84
C ALA A 34 -0.27 1.90 -2.22
N CYS A 35 -1.32 2.26 -1.49
CA CYS A 35 -2.65 1.74 -1.75
C CYS A 35 -2.95 1.73 -3.25
N GLY A 36 -2.79 0.57 -3.88
CA GLY A 36 -3.05 0.44 -5.30
C GLY A 36 -1.91 -0.24 -6.04
N LEU A 37 -0.68 0.23 -5.80
CA LEU A 37 0.50 -0.33 -6.45
C LEU A 37 0.38 -0.23 -7.97
N LEU A 38 -0.74 0.32 -8.44
CA LEU A 38 -0.99 0.46 -9.88
C LEU A 38 -1.07 1.93 -10.27
N ARG A 39 -0.57 2.80 -9.39
CA ARG A 39 -0.59 4.23 -9.65
C ARG A 39 0.29 4.59 -10.85
N THR A 40 0.81 3.56 -11.52
CA THR A 40 1.67 3.76 -12.67
C THR A 40 1.74 2.49 -13.52
N PRO A 41 0.70 2.21 -14.31
CA PRO A 41 0.65 1.04 -15.17
C PRO A 41 1.94 0.83 -15.96
N ARG A 42 2.93 0.22 -15.32
CA ARG A 42 4.21 -0.03 -15.97
C ARG A 42 4.67 1.17 -16.77
N THR A 17 -5.06 -0.02 12.02
CA THR A 17 -3.99 0.45 12.93
C THR A 17 -2.60 0.17 12.37
N PRO A 18 -2.42 -0.98 11.68
CA PRO A 18 -1.14 -1.36 11.09
C PRO A 18 -0.60 -0.29 10.15
N CYS A 19 -1.31 -0.08 9.03
CA CYS A 19 -0.90 0.90 8.04
C CYS A 19 -1.66 2.22 8.23
N VAL A 20 -1.93 2.90 7.12
CA VAL A 20 -2.66 4.17 7.17
C VAL A 20 -3.43 4.40 5.86
N PRO A 21 -4.56 5.12 5.93
CA PRO A 21 -5.38 5.41 4.74
C PRO A 21 -4.53 5.66 3.50
N ALA A 22 -3.30 6.13 3.71
CA ALA A 22 -2.39 6.41 2.61
C ALA A 22 -1.92 5.11 1.95
N GLU A 23 -1.28 4.26 2.74
CA GLU A 23 -0.78 2.97 2.24
C GLU A 23 -1.61 1.82 2.81
N CYS A 24 -1.96 0.88 1.94
CA CYS A 24 -2.75 -0.29 2.33
C CYS A 24 -1.86 -1.51 2.54
N PHE A 25 -2.38 -2.50 3.25
CA PHE A 25 -1.64 -3.72 3.53
C PHE A 25 -1.56 -4.61 2.30
N ASP A 26 -0.51 -5.43 2.21
CA ASP A 26 -0.33 -6.33 1.08
C ASP A 26 0.21 -7.67 1.54
N LEU A 27 -0.38 -8.76 1.05
CA LEU A 27 0.06 -10.10 1.41
C LEU A 27 1.23 -10.54 0.55
N LEU A 28 1.51 -9.77 -0.50
CA LEU A 28 2.62 -10.09 -1.41
C LEU A 28 3.95 -9.96 -0.69
N VAL A 29 4.24 -8.77 -0.19
CA VAL A 29 5.48 -8.51 0.52
C VAL A 29 5.26 -8.54 2.03
N ARG A 30 3.99 -8.54 2.43
CA ARG A 30 3.63 -8.59 3.85
C ARG A 30 3.95 -7.27 4.54
N HIS A 31 3.34 -6.19 4.06
CA HIS A 31 3.56 -4.87 4.66
C HIS A 31 2.60 -3.85 4.05
N CYS A 32 2.93 -2.57 4.20
CA CYS A 32 2.10 -1.49 3.67
C CYS A 32 2.63 -0.98 2.34
N VAL A 33 1.72 -0.55 1.47
CA VAL A 33 2.08 -0.03 0.15
C VAL A 33 1.13 1.07 -0.28
N ALA A 34 1.64 2.02 -1.06
CA ALA A 34 0.82 3.12 -1.54
C ALA A 34 -0.45 2.61 -2.21
N CYS A 35 -1.56 2.64 -1.46
CA CYS A 35 -2.83 2.18 -2.00
C CYS A 35 -3.02 2.62 -3.44
N GLY A 36 -2.76 1.70 -4.37
CA GLY A 36 -2.90 1.99 -5.78
C GLY A 36 -1.67 1.57 -6.58
N LEU A 37 -0.51 2.06 -6.17
CA LEU A 37 0.74 1.73 -6.84
C LEU A 37 0.66 2.04 -8.34
N LEU A 38 0.42 3.31 -8.65
CA LEU A 38 0.32 3.75 -10.04
C LEU A 38 1.62 4.38 -10.51
N ARG A 39 1.51 5.52 -11.20
CA ARG A 39 2.68 6.23 -11.71
C ARG A 39 3.81 6.22 -10.69
N THR A 40 3.63 6.96 -9.61
CA THR A 40 4.64 7.05 -8.55
C THR A 40 4.11 7.78 -7.33
N PRO A 41 3.26 7.09 -6.53
CA PRO A 41 2.67 7.68 -5.32
C PRO A 41 3.72 8.34 -4.43
N ARG A 42 4.70 7.55 -4.00
CA ARG A 42 5.76 8.06 -3.14
C ARG A 42 5.19 8.93 -2.03
N THR A 17 -0.60 -4.82 12.95
CA THR A 17 0.15 -4.13 11.88
C THR A 17 -0.78 -3.34 10.96
N PRO A 18 -1.61 -2.46 11.54
CA PRO A 18 -2.55 -1.64 10.78
C PRO A 18 -1.86 -0.55 9.99
N CYS A 19 -2.13 -0.48 8.68
CA CYS A 19 -1.53 0.53 7.83
C CYS A 19 -2.19 1.89 8.04
N VAL A 20 -2.33 2.64 6.96
CA VAL A 20 -2.94 3.97 7.02
C VAL A 20 -3.62 4.32 5.70
N PRO A 21 -4.61 5.23 5.73
CA PRO A 21 -5.33 5.64 4.52
C PRO A 21 -4.38 5.99 3.38
N ALA A 22 -3.09 6.05 3.68
CA ALA A 22 -2.08 6.36 2.67
C ALA A 22 -1.62 5.09 1.95
N GLU A 23 -1.40 4.04 2.73
CA GLU A 23 -0.95 2.76 2.18
C GLU A 23 -1.85 1.63 2.66
N CYS A 24 -2.07 0.64 1.79
CA CYS A 24 -2.92 -0.50 2.13
C CYS A 24 -2.07 -1.71 2.51
N PHE A 25 -2.66 -2.62 3.28
CA PHE A 25 -1.96 -3.82 3.73
C PHE A 25 -1.77 -4.80 2.57
N ASP A 26 -0.53 -5.00 2.17
CA ASP A 26 -0.20 -5.92 1.08
C ASP A 26 0.32 -7.25 1.63
N LEU A 27 -0.38 -8.33 1.30
CA LEU A 27 0.00 -9.66 1.75
C LEU A 27 1.06 -10.27 0.83
N LEU A 28 1.36 -9.58 -0.25
CA LEU A 28 2.36 -10.06 -1.21
C LEU A 28 3.77 -9.89 -0.66
N VAL A 29 4.11 -8.68 -0.25
CA VAL A 29 5.43 -8.38 0.30
C VAL A 29 5.39 -8.35 1.83
N ARG A 30 4.24 -8.70 2.40
CA ARG A 30 4.07 -8.72 3.85
C ARG A 30 4.31 -7.36 4.47
N HIS A 31 3.65 -6.33 3.95
CA HIS A 31 3.80 -4.98 4.49
C HIS A 31 2.82 -4.02 3.81
N CYS A 32 2.83 -2.77 4.24
CA CYS A 32 1.94 -1.75 3.68
C CYS A 32 2.55 -1.09 2.45
N VAL A 33 1.71 -0.81 1.45
CA VAL A 33 2.16 -0.17 0.21
C VAL A 33 1.22 0.95 -0.19
N ALA A 34 1.72 1.89 -0.98
CA ALA A 34 0.91 3.01 -1.44
C ALA A 34 -0.34 2.53 -2.16
N CYS A 35 -1.49 2.67 -1.51
CA CYS A 35 -2.76 2.25 -2.09
C CYS A 35 -2.90 2.78 -3.51
N GLY A 36 -2.62 1.92 -4.49
CA GLY A 36 -2.72 2.32 -5.89
C GLY A 36 -1.73 1.58 -6.77
N LEU A 37 -0.45 1.90 -6.62
CA LEU A 37 0.60 1.26 -7.40
C LEU A 37 0.27 1.35 -8.89
N LEU A 38 -0.76 2.11 -9.23
CA LEU A 38 -1.19 2.28 -10.62
C LEU A 38 -0.87 3.69 -11.11
N ARG A 39 -0.94 3.88 -12.42
CA ARG A 39 -0.66 5.18 -13.03
C ARG A 39 -1.94 6.02 -13.13
N THR A 40 -2.11 6.94 -12.19
CA THR A 40 -3.30 7.81 -12.17
C THR A 40 -3.28 8.73 -10.97
N PRO A 41 -3.06 8.19 -9.76
CA PRO A 41 -3.03 8.97 -8.52
C PRO A 41 -2.09 10.17 -8.62
N ARG A 42 -2.21 11.10 -7.68
CA ARG A 42 -1.37 12.29 -7.66
C ARG A 42 0.03 11.97 -7.16
N THR A 17 -3.18 0.37 13.66
CA THR A 17 -3.16 0.68 12.21
C THR A 17 -1.77 0.49 11.62
N PRO A 18 -1.37 -0.78 11.40
CA PRO A 18 -0.06 -1.11 10.84
C PRO A 18 0.26 -0.29 9.59
N CYS A 19 -0.74 0.44 9.10
CA CYS A 19 -0.56 1.27 7.91
C CYS A 19 -1.21 2.64 8.10
N VAL A 20 -1.60 3.26 6.99
CA VAL A 20 -2.23 4.58 7.03
C VAL A 20 -3.11 4.79 5.80
N PRO A 21 -4.19 5.59 5.92
CA PRO A 21 -5.10 5.86 4.82
C PRO A 21 -4.37 6.00 3.48
N ALA A 22 -3.08 6.32 3.55
CA ALA A 22 -2.27 6.48 2.35
C ALA A 22 -1.88 5.13 1.77
N GLU A 23 -1.22 4.31 2.59
CA GLU A 23 -0.78 2.98 2.16
C GLU A 23 -1.68 1.89 2.76
N CYS A 24 -2.07 0.93 1.92
CA CYS A 24 -2.92 -0.17 2.36
C CYS A 24 -2.10 -1.42 2.63
N PHE A 25 -2.68 -2.37 3.35
CA PHE A 25 -2.00 -3.63 3.67
C PHE A 25 -1.93 -4.53 2.45
N ASP A 26 -0.86 -5.32 2.37
CA ASP A 26 -0.68 -6.25 1.25
C ASP A 26 0.13 -7.47 1.68
N LEU A 27 -0.37 -8.65 1.31
CA LEU A 27 0.30 -9.91 1.65
C LEU A 27 1.32 -10.29 0.58
N LEU A 28 1.32 -9.55 -0.53
CA LEU A 28 2.25 -9.82 -1.62
C LEU A 28 3.60 -9.19 -1.35
N VAL A 29 3.65 -8.35 -0.31
CA VAL A 29 4.90 -7.66 0.07
C VAL A 29 5.21 -7.91 1.53
N ARG A 30 4.23 -8.39 2.28
CA ARG A 30 4.40 -8.67 3.71
C ARG A 30 4.44 -7.37 4.52
N HIS A 31 3.74 -6.35 4.04
CA HIS A 31 3.70 -5.06 4.74
C HIS A 31 2.78 -4.08 4.03
N CYS A 32 2.78 -2.83 4.49
CA CYS A 32 1.94 -1.79 3.90
C CYS A 32 2.60 -1.17 2.67
N VAL A 33 1.79 -0.78 1.71
CA VAL A 33 2.27 -0.17 0.47
C VAL A 33 1.29 0.88 -0.03
N ALA A 34 1.76 1.73 -0.94
CA ALA A 34 0.92 2.78 -1.50
C ALA A 34 -0.31 2.18 -2.18
N CYS A 35 -1.48 2.45 -1.62
CA CYS A 35 -2.73 1.93 -2.18
C CYS A 35 -2.83 2.28 -3.66
N GLY A 36 -2.51 1.30 -4.51
CA GLY A 36 -2.55 1.52 -5.95
C GLY A 36 -1.18 1.41 -6.58
N LEU A 37 -0.15 1.72 -5.81
CA LEU A 37 1.22 1.65 -6.30
C LEU A 37 1.40 2.52 -7.55
N LEU A 38 1.14 3.82 -7.41
CA LEU A 38 1.27 4.75 -8.52
C LEU A 38 2.60 5.50 -8.47
N ARG A 39 2.54 6.76 -8.01
CA ARG A 39 3.73 7.58 -7.90
C ARG A 39 4.31 7.53 -6.49
N THR A 40 5.24 6.61 -6.27
CA THR A 40 5.89 6.46 -4.97
C THR A 40 7.26 5.81 -5.11
N PRO A 41 8.17 6.06 -4.14
CA PRO A 41 9.53 5.51 -4.18
C PRO A 41 9.53 3.98 -4.23
N ARG A 42 8.50 3.36 -3.67
CA ARG A 42 8.40 1.90 -3.66
C ARG A 42 8.22 1.36 -5.07
N THR A 17 3.08 -0.27 14.83
CA THR A 17 1.91 0.50 14.37
C THR A 17 1.45 0.04 12.99
N PRO A 18 0.14 0.11 12.71
CA PRO A 18 -0.41 -0.31 11.42
C PRO A 18 -0.04 0.64 10.28
N CYS A 19 -0.65 0.45 9.12
CA CYS A 19 -0.37 1.29 7.96
C CYS A 19 -0.96 2.69 8.15
N VAL A 20 -1.33 3.32 7.05
CA VAL A 20 -1.90 4.66 7.09
C VAL A 20 -2.80 4.91 5.87
N PRO A 21 -3.84 5.75 6.03
CA PRO A 21 -4.76 6.05 4.92
C PRO A 21 -4.04 6.18 3.58
N ALA A 22 -2.75 6.46 3.63
CA ALA A 22 -1.95 6.60 2.41
C ALA A 22 -1.63 5.24 1.82
N GLU A 23 -0.99 4.38 2.61
CA GLU A 23 -0.62 3.04 2.17
C GLU A 23 -1.52 1.99 2.80
N CYS A 24 -1.96 1.03 2.00
CA CYS A 24 -2.83 -0.04 2.47
C CYS A 24 -2.03 -1.32 2.72
N PHE A 25 -2.72 -2.36 3.15
CA PHE A 25 -2.08 -3.64 3.43
C PHE A 25 -1.79 -4.40 2.14
N ASP A 26 -0.86 -5.35 2.22
CA ASP A 26 -0.48 -6.14 1.05
C ASP A 26 0.10 -7.49 1.47
N LEU A 27 -0.50 -8.57 0.95
CA LEU A 27 -0.05 -9.92 1.27
C LEU A 27 1.06 -10.37 0.31
N LEU A 28 1.55 -9.44 -0.49
CA LEU A 28 2.61 -9.73 -1.46
C LEU A 28 3.99 -9.50 -0.84
N VAL A 29 4.18 -8.30 -0.29
CA VAL A 29 5.45 -7.95 0.33
C VAL A 29 5.35 -8.08 1.86
N ARG A 30 4.18 -8.50 2.33
CA ARG A 30 3.95 -8.70 3.75
C ARG A 30 4.17 -7.41 4.54
N HIS A 31 3.47 -6.35 4.15
CA HIS A 31 3.57 -5.06 4.84
C HIS A 31 2.59 -4.06 4.25
N CYS A 32 2.92 -2.77 4.34
CA CYS A 32 2.06 -1.72 3.82
C CYS A 32 2.65 -1.12 2.54
N VAL A 33 1.79 -0.82 1.57
CA VAL A 33 2.21 -0.23 0.30
C VAL A 33 1.27 0.87 -0.14
N ALA A 34 1.73 1.72 -1.04
CA ALA A 34 0.92 2.82 -1.54
C ALA A 34 -0.37 2.31 -2.17
N CYS A 35 -1.48 2.52 -1.48
CA CYS A 35 -2.78 2.07 -1.97
C CYS A 35 -2.94 2.38 -3.46
N GLY A 36 -2.72 1.37 -4.29
CA GLY A 36 -2.85 1.55 -5.73
C GLY A 36 -1.78 0.80 -6.49
N LEU A 37 -0.56 1.32 -6.48
CA LEU A 37 0.56 0.69 -7.18
C LEU A 37 0.25 0.53 -8.66
N LEU A 38 -0.93 0.99 -9.07
CA LEU A 38 -1.35 0.89 -10.47
C LEU A 38 -1.16 2.23 -11.19
N ARG A 39 -2.02 3.19 -10.87
CA ARG A 39 -1.95 4.51 -11.49
C ARG A 39 -2.43 5.58 -10.50
N THR A 40 -2.64 6.79 -11.01
CA THR A 40 -3.09 7.91 -10.19
C THR A 40 -2.51 7.83 -8.78
N PRO A 41 -1.18 7.96 -8.65
CA PRO A 41 -0.51 7.92 -7.36
C PRO A 41 -0.79 9.15 -6.51
N ARG A 42 -1.77 9.03 -5.62
CA ARG A 42 -2.15 10.14 -4.75
C ARG A 42 -0.95 10.61 -3.91
#